data_7G21
#
_entry.id   7G21
#
_cell.length_a   32.686
_cell.length_b   53.877
_cell.length_c   75.086
_cell.angle_alpha   90.000
_cell.angle_beta   90.000
_cell.angle_gamma   90.000
#
_symmetry.space_group_name_H-M   'P 21 21 21'
#
loop_
_entity.id
_entity.type
_entity.pdbx_description
1 polymer 'Fatty acid-binding protein, adipocyte'
2 non-polymer 'FORMIC ACID'
3 non-polymer 'SULFATE ION'
4 non-polymer (6R)-4-hydroxy-6-{(E)-2-[(1R,2S)-2-phenylcyclohexyl]ethenyl}-5,6-dihydro-2H-pyran-2-one
5 non-polymer 'CHLORIDE ION'
6 water water
#
_entity_poly.entity_id   1
_entity_poly.type   'polypeptide(L)'
_entity_poly.pdbx_seq_one_letter_code
;GSHMCDAFVGTWKLVSSENFDDYMKEVGVGFATRKVAGMAKPNMIISVNGDVITIKSESTFKNTEISFILGQEFDEVTAD
DRKVKSTITLDGGVLVHVQKWDGKSTTIKRKREDDKLVVECVMKGVTSTRVYERA
;
_entity_poly.pdbx_strand_id   A
#
loop_
_chem_comp.id
_chem_comp.type
_chem_comp.name
_chem_comp.formula
CL non-polymer 'CHLORIDE ION' 'Cl -1'
FMT non-polymer 'FORMIC ACID' 'C H2 O2'
IKQ non-polymer (6R)-4-hydroxy-6-{(E)-2-[(1R,2S)-2-phenylcyclohexyl]ethenyl}-5,6-dihydro-2H-pyran-2-one 'C19 H22 O3'
SO4 non-polymer 'SULFATE ION' 'O4 S -2'
#
# COMPACT_ATOMS: atom_id res chain seq x y z
N SER A 2 4.09 -15.64 -15.27
CA SER A 2 4.95 -16.22 -14.17
C SER A 2 6.25 -15.44 -13.88
N HIS A 3 6.72 -15.55 -12.65
CA HIS A 3 7.89 -14.77 -12.11
C HIS A 3 7.78 -13.28 -12.26
N MET A 4 6.53 -12.80 -12.58
CA MET A 4 6.30 -11.31 -12.72
C MET A 4 6.74 -10.50 -11.49
N CYS A 5 6.39 -11.02 -10.34
CA CYS A 5 6.74 -10.33 -9.14
C CYS A 5 7.69 -11.04 -8.18
N ASP A 6 8.60 -11.85 -8.68
CA ASP A 6 9.43 -12.71 -7.78
C ASP A 6 10.14 -11.90 -6.76
N ALA A 7 10.69 -10.70 -7.14
CA ALA A 7 11.50 -9.91 -6.24
C ALA A 7 10.65 -9.23 -5.14
N PHE A 8 9.34 -9.26 -5.22
CA PHE A 8 8.45 -8.79 -4.20
C PHE A 8 8.05 -9.83 -3.19
N VAL A 9 8.03 -11.12 -3.59
CA VAL A 9 7.48 -12.09 -2.73
C VAL A 9 8.26 -12.27 -1.46
N GLY A 10 7.55 -12.46 -0.35
CA GLY A 10 8.20 -12.62 0.91
C GLY A 10 7.47 -11.94 2.02
N THR A 11 8.14 -11.86 3.14
CA THR A 11 7.62 -11.18 4.37
C THR A 11 8.58 -10.07 4.64
N TRP A 12 7.97 -8.91 4.83
CA TRP A 12 8.70 -7.65 4.95
C TRP A 12 8.22 -6.90 6.15
N LYS A 13 9.13 -6.17 6.83
CA LYS A 13 8.86 -5.47 8.08
CA LYS A 13 8.78 -5.50 8.05
C LYS A 13 9.11 -4.00 7.89
N LEU A 14 8.24 -3.12 8.38
CA LEU A 14 8.41 -1.65 8.27
C LEU A 14 9.63 -1.23 9.09
N VAL A 15 10.50 -0.46 8.45
CA VAL A 15 11.61 0.09 9.17
C VAL A 15 11.64 1.60 9.22
N SER A 16 11.01 2.35 8.31
CA SER A 16 11.00 3.82 8.42
C SER A 16 9.78 4.31 7.72
N SER A 17 9.35 5.51 8.11
CA SER A 17 8.21 6.16 7.59
C SER A 17 8.48 7.66 7.56
N GLU A 18 8.06 8.34 6.53
CA GLU A 18 8.13 9.76 6.47
C GLU A 18 6.89 10.35 5.84
N ASN A 19 6.36 11.39 6.50
CA ASN A 19 5.24 12.18 6.07
CA ASN A 19 5.22 12.17 6.04
C ASN A 19 3.91 11.39 6.03
N PHE A 20 3.82 10.34 6.80
CA PHE A 20 2.64 9.46 6.73
C PHE A 20 1.39 10.10 7.33
N ASP A 21 1.59 10.84 8.43
CA ASP A 21 0.44 11.54 9.03
C ASP A 21 -0.17 12.51 8.03
N ASP A 22 0.67 13.25 7.30
CA ASP A 22 0.20 14.21 6.31
C ASP A 22 -0.49 13.51 5.15
N TYR A 23 0.06 12.39 4.71
CA TYR A 23 -0.62 11.60 3.65
C TYR A 23 -2.00 11.22 4.14
N MET A 24 -2.11 10.65 5.34
CA MET A 24 -3.40 10.24 5.89
C MET A 24 -4.38 11.39 6.02
N LYS A 25 -3.87 12.58 6.46
CA LYS A 25 -4.73 13.79 6.50
C LYS A 25 -5.27 14.12 5.13
N GLU A 26 -4.44 14.03 4.09
CA GLU A 26 -4.85 14.37 2.77
C GLU A 26 -5.97 13.36 2.29
N VAL A 27 -5.82 12.07 2.62
CA VAL A 27 -6.78 11.05 2.29
C VAL A 27 -8.13 11.32 2.98
N GLY A 28 -8.08 11.94 4.11
CA GLY A 28 -9.24 12.18 4.92
C GLY A 28 -9.41 11.32 6.17
N VAL A 29 -8.34 10.65 6.58
CA VAL A 29 -8.40 9.82 7.76
C VAL A 29 -8.55 10.74 8.99
N GLY A 30 -9.42 10.26 9.89
CA GLY A 30 -9.69 11.04 11.13
C GLY A 30 -8.57 10.91 12.17
N PHE A 31 -8.61 11.77 13.17
CA PHE A 31 -7.56 11.93 14.12
C PHE A 31 -7.26 10.62 14.79
N ALA A 32 -8.19 9.93 15.40
CA ALA A 32 -7.88 8.75 16.21
C ALA A 32 -7.29 7.68 15.36
N THR A 33 -7.90 7.45 14.20
CA THR A 33 -7.29 6.46 13.28
C THR A 33 -5.93 6.83 12.85
N ARG A 34 -5.66 8.11 12.52
CA ARG A 34 -4.27 8.48 12.19
C ARG A 34 -3.29 8.16 13.31
N LYS A 35 -3.69 8.41 14.56
CA LYS A 35 -2.74 8.26 15.61
C LYS A 35 -2.41 6.74 15.77
N VAL A 36 -3.43 5.91 15.79
CA VAL A 36 -3.23 4.46 16.02
CA VAL A 36 -3.17 4.47 16.04
C VAL A 36 -2.57 3.83 14.80
N ALA A 37 -3.03 4.17 13.61
CA ALA A 37 -2.44 3.69 12.37
C ALA A 37 -0.99 4.15 12.19
N GLY A 38 -0.69 5.36 12.59
CA GLY A 38 0.63 5.90 12.48
C GLY A 38 1.59 5.20 13.42
N MET A 39 1.14 4.67 14.52
CA MET A 39 1.94 3.89 15.42
C MET A 39 2.23 2.49 14.96
N ALA A 40 1.43 1.95 14.02
CA ALA A 40 1.57 0.60 13.61
C ALA A 40 2.96 0.35 12.97
N LYS A 41 3.44 -0.87 13.15
CA LYS A 41 4.67 -1.35 12.56
C LYS A 41 4.35 -2.62 11.75
N PRO A 42 3.72 -2.50 10.62
CA PRO A 42 3.19 -3.67 9.94
C PRO A 42 4.26 -4.57 9.34
N ASN A 43 3.85 -5.81 9.18
CA ASN A 43 4.53 -6.65 8.26
C ASN A 43 3.66 -6.72 7.00
N MET A 44 4.32 -6.76 5.89
CA MET A 44 3.65 -6.92 4.60
C MET A 44 4.10 -8.26 4.02
N ILE A 45 3.13 -9.11 3.66
CA ILE A 45 3.41 -10.43 3.20
C ILE A 45 2.85 -10.54 1.79
N ILE A 46 3.74 -10.76 0.84
CA ILE A 46 3.39 -10.76 -0.58
C ILE A 46 3.62 -12.18 -1.08
N SER A 47 2.62 -12.71 -1.81
CA SER A 47 2.74 -14.03 -2.40
C SER A 47 2.04 -14.08 -3.75
N VAL A 48 2.43 -15.04 -4.57
CA VAL A 48 1.89 -15.22 -5.89
C VAL A 48 1.49 -16.66 -6.05
N ASN A 49 0.38 -16.93 -6.69
CA ASN A 49 -0.06 -18.29 -7.07
C ASN A 49 -0.76 -18.17 -8.43
N GLY A 50 -0.03 -18.57 -9.42
CA GLY A 50 -0.47 -18.35 -10.79
C GLY A 50 -0.54 -16.90 -11.13
N ASP A 51 -1.65 -16.43 -11.58
CA ASP A 51 -1.84 -15.00 -11.89
C ASP A 51 -2.32 -14.14 -10.70
N VAL A 52 -2.59 -14.83 -9.61
CA VAL A 52 -3.20 -14.16 -8.44
C VAL A 52 -2.10 -13.73 -7.46
N ILE A 53 -2.02 -12.44 -7.19
CA ILE A 53 -1.13 -11.87 -6.20
C ILE A 53 -1.91 -11.59 -4.96
N THR A 54 -1.30 -11.90 -3.82
CA THR A 54 -1.93 -11.62 -2.53
C THR A 54 -0.97 -10.73 -1.74
N ILE A 55 -1.51 -9.65 -1.17
CA ILE A 55 -0.72 -8.74 -0.28
C ILE A 55 -1.51 -8.70 1.01
N LYS A 56 -0.84 -9.08 2.11
CA LYS A 56 -1.36 -8.93 3.46
C LYS A 56 -0.58 -7.87 4.25
N SER A 57 -1.28 -7.17 5.06
CA SER A 57 -0.65 -6.14 6.00
C SER A 57 -1.12 -6.59 7.34
N GLU A 58 -0.16 -6.87 8.24
CA GLU A 58 -0.49 -7.34 9.57
C GLU A 58 0.21 -6.50 10.65
N SER A 59 -0.61 -5.99 11.57
CA SER A 59 -0.11 -5.09 12.61
C SER A 59 -1.08 -5.13 13.79
N THR A 60 -0.71 -4.44 14.86
CA THR A 60 -1.63 -4.31 15.97
C THR A 60 -2.85 -3.52 15.64
N PHE A 61 -2.79 -2.64 14.64
CA PHE A 61 -3.88 -1.80 14.21
C PHE A 61 -4.94 -2.61 13.44
N LYS A 62 -4.52 -3.29 12.41
CA LYS A 62 -5.38 -4.04 11.55
C LYS A 62 -4.63 -5.14 10.83
N ASN A 63 -5.37 -6.18 10.50
CA ASN A 63 -4.85 -7.19 9.58
C ASN A 63 -5.71 -7.14 8.32
N THR A 64 -5.08 -6.83 7.20
CA THR A 64 -5.78 -6.73 5.95
C THR A 64 -5.18 -7.71 4.92
N GLU A 65 -6.00 -8.03 3.92
CA GLU A 65 -5.55 -8.89 2.84
C GLU A 65 -6.26 -8.52 1.54
N ILE A 66 -5.50 -8.36 0.46
CA ILE A 66 -6.11 -8.25 -0.85
C ILE A 66 -5.49 -9.29 -1.74
N SER A 67 -6.35 -9.82 -2.65
CA SER A 67 -5.90 -10.68 -3.74
C SER A 67 -6.44 -10.14 -5.09
N PHE A 68 -5.64 -10.23 -6.12
CA PHE A 68 -5.97 -9.53 -7.38
C PHE A 68 -5.14 -10.12 -8.49
N ILE A 69 -5.63 -9.80 -9.68
CA ILE A 69 -4.91 -10.05 -10.96
C ILE A 69 -4.51 -8.69 -11.55
N LEU A 70 -3.32 -8.59 -12.04
CA LEU A 70 -2.82 -7.33 -12.57
C LEU A 70 -3.75 -6.81 -13.64
N GLY A 71 -4.13 -5.57 -13.53
CA GLY A 71 -4.93 -4.89 -14.55
C GLY A 71 -6.43 -5.07 -14.34
N GLN A 72 -6.87 -5.84 -13.40
CA GLN A 72 -8.29 -6.25 -13.21
C GLN A 72 -8.82 -5.63 -11.93
N GLU A 73 -9.72 -4.68 -12.06
CA GLU A 73 -10.25 -3.95 -10.92
C GLU A 73 -10.91 -4.79 -9.92
N PHE A 74 -10.89 -4.35 -8.66
CA PHE A 74 -11.45 -5.02 -7.60
C PHE A 74 -11.99 -3.99 -6.58
N ASP A 75 -12.89 -4.45 -5.75
CA ASP A 75 -13.41 -3.64 -4.62
CA ASP A 75 -13.39 -3.74 -4.57
C ASP A 75 -12.60 -4.00 -3.39
N GLU A 76 -12.20 -2.97 -2.67
CA GLU A 76 -11.31 -3.08 -1.48
C GLU A 76 -11.91 -2.27 -0.33
N VAL A 77 -11.95 -2.80 0.92
CA VAL A 77 -12.25 -1.98 2.09
C VAL A 77 -10.85 -1.73 2.75
N THR A 78 -10.46 -0.46 2.80
CA THR A 78 -9.16 -0.10 3.33
C THR A 78 -9.10 -0.21 4.83
N ALA A 79 -7.90 -0.07 5.44
CA ALA A 79 -7.84 -0.26 6.88
C ALA A 79 -8.60 0.82 7.64
N ASP A 80 -8.64 2.01 7.06
CA ASP A 80 -9.45 3.16 7.53
C ASP A 80 -10.92 3.13 7.08
N ASP A 81 -11.39 2.04 6.54
CA ASP A 81 -12.82 1.77 6.25
C ASP A 81 -13.30 2.56 5.07
N ARG A 82 -12.44 2.96 4.14
CA ARG A 82 -12.95 3.47 2.85
C ARG A 82 -13.37 2.30 1.97
N LYS A 83 -14.40 2.47 1.19
CA LYS A 83 -14.84 1.49 0.22
C LYS A 83 -14.32 1.99 -1.14
N VAL A 84 -13.27 1.39 -1.68
CA VAL A 84 -12.62 1.94 -2.84
C VAL A 84 -12.68 0.87 -4.00
N LYS A 85 -12.48 1.43 -5.18
CA LYS A 85 -12.29 0.60 -6.39
CA LYS A 85 -12.28 0.59 -6.41
C LYS A 85 -10.80 0.67 -6.73
N SER A 86 -10.16 -0.47 -6.76
CA SER A 86 -8.69 -0.56 -6.90
C SER A 86 -8.26 -1.26 -8.13
N THR A 87 -7.21 -0.83 -8.78
CA THR A 87 -6.56 -1.51 -9.85
C THR A 87 -5.07 -1.51 -9.63
N ILE A 88 -4.42 -2.63 -9.76
CA ILE A 88 -2.96 -2.74 -9.57
C ILE A 88 -2.33 -3.27 -10.82
N THR A 89 -1.34 -2.58 -11.35
CA THR A 89 -0.62 -2.92 -12.51
C THR A 89 0.87 -2.92 -12.24
N LEU A 90 1.65 -3.55 -13.09
CA LEU A 90 3.06 -3.55 -13.04
CA LEU A 90 3.13 -3.46 -13.11
C LEU A 90 3.58 -2.53 -14.13
N ASP A 91 4.31 -1.49 -13.80
CA ASP A 91 4.80 -0.44 -14.74
C ASP A 91 6.28 -0.38 -14.61
N GLY A 92 6.98 -0.96 -15.57
CA GLY A 92 8.38 -0.97 -15.52
C GLY A 92 8.93 -1.46 -14.23
N GLY A 93 8.43 -2.57 -13.80
CA GLY A 93 8.94 -3.16 -12.56
C GLY A 93 8.35 -2.70 -11.22
N VAL A 94 7.57 -1.65 -11.24
CA VAL A 94 6.92 -1.09 -10.09
C VAL A 94 5.46 -1.47 -10.02
N LEU A 95 5.04 -1.97 -8.88
CA LEU A 95 3.62 -2.24 -8.68
C LEU A 95 2.87 -0.94 -8.39
N VAL A 96 1.89 -0.59 -9.22
CA VAL A 96 1.18 0.67 -9.08
C VAL A 96 -0.25 0.35 -8.68
N HIS A 97 -0.70 0.82 -7.54
CA HIS A 97 -2.03 0.56 -6.96
C HIS A 97 -2.79 1.81 -6.88
N VAL A 98 -3.86 1.96 -7.70
CA VAL A 98 -4.71 3.11 -7.68
C VAL A 98 -5.99 2.76 -6.96
N GLN A 99 -6.41 3.60 -6.06
CA GLN A 99 -7.69 3.52 -5.34
C GLN A 99 -8.55 4.70 -5.62
N LYS A 100 -9.79 4.45 -6.04
CA LYS A 100 -10.77 5.47 -6.35
C LYS A 100 -11.97 5.37 -5.45
N TRP A 101 -12.45 6.52 -4.94
CA TRP A 101 -13.63 6.59 -4.09
C TRP A 101 -14.11 7.98 -3.99
N ASP A 102 -15.43 8.18 -4.03
CA ASP A 102 -16.03 9.47 -3.83
C ASP A 102 -15.39 10.59 -4.68
N GLY A 103 -15.06 10.24 -5.92
CA GLY A 103 -14.42 11.21 -6.75
C GLY A 103 -12.96 11.58 -6.50
N LYS A 104 -12.36 10.89 -5.54
CA LYS A 104 -10.97 11.05 -5.13
C LYS A 104 -10.12 9.89 -5.63
N SER A 105 -8.81 10.05 -5.61
CA SER A 105 -7.89 9.01 -6.03
C SER A 105 -6.59 9.11 -5.22
N THR A 106 -6.01 7.96 -4.92
CA THR A 106 -4.70 7.89 -4.29
C THR A 106 -3.96 6.76 -4.93
N THR A 107 -2.64 6.88 -5.06
CA THR A 107 -1.77 5.88 -5.69
C THR A 107 -0.72 5.45 -4.73
N ILE A 108 -0.53 4.17 -4.59
CA ILE A 108 0.51 3.53 -3.82
C ILE A 108 1.40 2.76 -4.68
N LYS A 109 2.68 3.12 -4.75
CA LYS A 109 3.68 2.43 -5.53
C LYS A 109 4.55 1.59 -4.66
N ARG A 110 4.89 0.37 -5.10
CA ARG A 110 5.79 -0.53 -4.37
C ARG A 110 6.90 -0.91 -5.32
N LYS A 111 8.14 -0.72 -4.87
CA LYS A 111 9.20 -1.13 -5.69
C LYS A 111 10.36 -1.65 -4.89
N ARG A 112 11.17 -2.47 -5.54
CA ARG A 112 12.36 -3.01 -4.95
C ARG A 112 13.52 -2.07 -5.23
N GLU A 113 14.27 -1.70 -4.18
CA GLU A 113 15.45 -0.83 -4.30
C GLU A 113 16.52 -1.40 -3.31
N ASP A 114 17.57 -1.92 -3.89
CA ASP A 114 18.53 -2.67 -3.08
C ASP A 114 17.88 -3.79 -2.32
N ASP A 115 18.09 -3.98 -1.03
CA ASP A 115 17.43 -5.01 -0.28
C ASP A 115 16.13 -4.52 0.37
N LYS A 116 15.63 -3.38 -0.05
CA LYS A 116 14.40 -2.83 0.52
C LYS A 116 13.24 -2.95 -0.46
N LEU A 117 12.07 -2.85 0.12
CA LEU A 117 10.82 -2.65 -0.60
C LEU A 117 10.32 -1.28 -0.13
N VAL A 118 10.33 -0.36 -1.09
CA VAL A 118 9.94 1.00 -0.84
C VAL A 118 8.54 1.27 -1.30
N VAL A 119 7.73 1.84 -0.43
CA VAL A 119 6.33 2.11 -0.70
C VAL A 119 6.11 3.60 -0.65
N GLU A 120 5.62 4.14 -1.76
CA GLU A 120 5.33 5.56 -1.85
CA GLU A 120 5.37 5.60 -1.90
C GLU A 120 3.88 5.77 -2.00
N CYS A 121 3.27 6.53 -1.09
CA CYS A 121 1.82 6.78 -1.02
C CYS A 121 1.58 8.22 -1.43
N VAL A 122 0.78 8.49 -2.44
CA VAL A 122 0.60 9.81 -2.93
C VAL A 122 -0.84 10.21 -2.95
N MET A 123 -1.21 11.36 -2.45
CA MET A 123 -2.55 11.92 -2.47
CA MET A 123 -2.49 11.94 -2.61
C MET A 123 -2.39 13.40 -2.81
N LYS A 124 -2.66 13.71 -4.08
N LYS A 124 -3.16 13.98 -3.70
CA LYS A 124 -2.46 15.05 -4.71
CA LYS A 124 -3.12 15.47 -3.82
C LYS A 124 -1.00 15.42 -4.66
C LYS A 124 -1.81 16.23 -3.47
N GLY A 125 -0.67 16.50 -3.91
N GLY A 125 -0.71 15.85 -4.14
CA GLY A 125 0.72 17.03 -3.73
CA GLY A 125 0.62 16.52 -3.98
C GLY A 125 1.48 16.39 -2.54
C GLY A 125 1.44 16.22 -2.70
N VAL A 126 0.81 15.46 -1.80
CA VAL A 126 1.47 14.90 -0.62
C VAL A 126 1.92 13.49 -0.79
N THR A 127 3.21 13.27 -0.60
CA THR A 127 3.80 11.97 -0.70
CA THR A 127 3.81 11.98 -0.73
C THR A 127 4.33 11.46 0.60
N SER A 128 4.13 10.22 0.94
CA SER A 128 4.77 9.55 2.05
C SER A 128 5.57 8.37 1.60
N THR A 129 6.76 8.19 2.15
CA THR A 129 7.64 7.10 1.88
C THR A 129 7.75 6.17 3.04
N ARG A 130 7.56 4.87 2.83
CA ARG A 130 7.57 3.85 3.86
C ARG A 130 8.58 2.79 3.35
N VAL A 131 9.56 2.50 4.16
CA VAL A 131 10.66 1.54 3.79
C VAL A 131 10.46 0.30 4.54
N TYR A 132 10.50 -0.88 3.83
CA TYR A 132 10.42 -2.17 4.41
C TYR A 132 11.71 -3.00 4.11
N GLU A 133 12.08 -3.84 5.06
CA GLU A 133 13.19 -4.81 4.81
C GLU A 133 12.67 -6.22 5.04
N ARG A 134 13.43 -7.24 4.58
CA ARG A 134 13.01 -8.61 4.80
C ARG A 134 12.92 -8.89 6.28
N ALA A 135 11.92 -9.65 6.64
CA ALA A 135 11.75 -10.08 8.00
C ALA A 135 12.71 -11.24 8.35
C FMT B . -3.69 10.10 -7.51
O1 FMT B . -4.14 8.73 -7.62
O2 FMT B . -2.72 10.48 -6.44
H FMT B . -4.08 10.82 -8.21
S SO4 C . 16.76 -10.62 -2.69
O1 SO4 C . 16.49 -11.12 -1.26
O2 SO4 C . 17.62 -11.59 -3.28
O3 SO4 C . 17.52 -9.29 -2.57
O4 SO4 C . 15.52 -10.68 -3.54
C10 IKQ D . -1.02 2.56 3.32
C11 IKQ D . -4.43 5.03 4.89
C13 IKQ D . -1.13 1.21 8.90
C15 IKQ D . -1.39 -0.13 8.75
C16 IKQ D . 1.14 1.79 4.08
C18 IKQ D . 2.28 0.89 3.88
C19 IKQ D . 1.07 -0.22 2.09
C20 IKQ D . 2.28 -0.03 2.91
C1 IKQ D . -3.41 2.67 6.22
C2 IKQ D . -2.68 3.25 5.06
C3 IKQ D . -2.65 1.73 7.12
C4 IKQ D . -4.10 3.73 6.99
C5 IKQ D . -1.84 2.21 4.35
C6 IKQ D . -3.65 3.97 4.16
C7 IKQ D . -2.92 0.37 6.99
C8 IKQ D . -1.74 2.15 8.11
C9 IKQ D . -5.05 4.52 6.15
C12 IKQ D . -2.28 -0.55 7.79
C14 IKQ D . 0.19 1.72 2.91
O17 IKQ D . -0.13 0.44 2.46
O21 IKQ D . 3.14 0.84 4.94
O22 IKQ D . 1.11 -0.93 1.10
H34 IKQ D . -1.10 3.46 2.96
H35 IKQ D . -5.09 5.40 4.29
H36 IKQ D . -3.81 5.76 5.13
H38 IKQ D . -0.49 1.49 9.57
H40 IKQ D . -0.94 -0.78 9.31
H42 IKQ D . 0.68 1.50 4.88
H41 IKQ D . 1.47 2.69 4.20
H43 IKQ D . 3.13 -0.36 2.56
H23 IKQ D . -4.13 2.18 5.81
H24 IKQ D . -2.07 3.91 5.40
H26 IKQ D . -3.42 4.33 7.33
H25 IKQ D . -4.57 3.33 7.75
H27 IKQ D . -1.81 1.30 4.71
H28 IKQ D . -4.26 3.31 3.81
H29 IKQ D . -3.16 4.36 3.42
H30 IKQ D . -3.53 0.03 6.33
H31 IKQ D . -1.56 3.08 8.23
H33 IKQ D . -5.42 5.25 6.68
H32 IKQ D . -5.80 3.93 5.90
H37 IKQ D . -2.46 -1.49 7.69
H39 IKQ D . 0.61 2.15 2.14
CL CL E . 5.53 9.32 9.29
#